data_4WG3
#
_entry.id   4WG3
#
_cell.length_a   48.240
_cell.length_b   72.630
_cell.length_c   66.990
_cell.angle_alpha   90.000
_cell.angle_beta   103.000
_cell.angle_gamma   90.000
#
_symmetry.space_group_name_H-M   'P 1 21 1'
#
loop_
_entity.id
_entity.type
_entity.pdbx_description
1 polymer 'Calmodulin-domain protein kinase 1'
2 non-polymer 3-(7-ethoxynaphthalen-2-yl)-1-(2-methylpropyl)-1H-pyrazolo[3,4-d]pyrimidin-4-amine
3 water water
#
_entity_poly.entity_id   1
_entity_poly.type   'polypeptide(L)'
_entity_poly.pdbx_seq_one_letter_code
;GPGSMMDHLHATPGMFVQHSTAIFSDRYKGQRVLGKGSFGEVILCKDKITGQECAVKVISKRQVKQKTDKESLLREVQLL
KQLDHPNIMKLYEFFEDKGYFYLVGEVYTGGELFDEIISRKRFSEVDAARIIRQVLSGITYMHKNKIVHRDLKPENLLLE
SKSKDANIRIIDFGLSTHFEASKKMKDKIGTAYYIAPEVLHGTYDEKCDVWSTGVILYILLSGCPPFNGANEYDILKKVE
KGKYTFELPQWKKVSESAKDLIRKMLTYVPSMRISARDALDHEWIQTYTKEQISVDVPSLDNAILNIRQFQGTQKLAQAA
LLYMGSKLTSQDETKELTAIFHKMDKNGDGQLDRAELIEGYKELMRMKGQDASMLDASAVEHEVDQVLDAVDFDKNGYIE
YSEFVTVAMDRKTLLSRERLERAFRMFDSDNSGKISSTELATIFGVSDVDSETWKSVLSEVDKNNDGEVDFDEFQQMLLK
LCGN
;
_entity_poly.pdbx_strand_id   A
#
loop_
_chem_comp.id
_chem_comp.type
_chem_comp.name
_chem_comp.formula
UWA non-polymer 3-(7-ethoxynaphthalen-2-yl)-1-(2-methylpropyl)-1H-pyrazolo[3,4-d]pyrimidin-4-amine 'C21 H23 N5 O'
#
# COMPACT_ATOMS: atom_id res chain seq x y z
N SER A 20 -14.74 24.24 20.85
CA SER A 20 -15.36 23.44 19.76
C SER A 20 -14.32 22.69 18.92
N THR A 21 -14.68 21.49 18.46
CA THR A 21 -13.77 20.66 17.67
C THR A 21 -13.38 21.32 16.34
N ALA A 22 -12.08 21.32 16.02
CA ALA A 22 -11.60 21.80 14.72
C ALA A 22 -11.85 20.76 13.63
N ILE A 23 -12.14 21.25 12.41
CA ILE A 23 -12.63 20.42 11.33
C ILE A 23 -11.61 20.35 10.23
N PHE A 24 -11.33 19.16 9.77
CA PHE A 24 -10.29 18.94 8.80
C PHE A 24 -10.45 19.75 7.51
N SER A 25 -11.65 19.74 6.92
CA SER A 25 -11.91 20.40 5.64
C SER A 25 -12.15 21.92 5.77
N ASP A 26 -12.26 22.43 6.99
CA ASP A 26 -12.13 23.87 7.23
C ASP A 26 -10.73 24.35 6.90
N ARG A 27 -9.73 23.46 7.02
CA ARG A 27 -8.35 23.85 6.89
C ARG A 27 -7.69 23.31 5.64
N TYR A 28 -8.08 22.14 5.19
CA TYR A 28 -7.45 21.49 4.04
C TYR A 28 -8.44 21.23 2.88
N LYS A 29 -7.99 21.42 1.64
CA LYS A 29 -8.69 20.89 0.45
C LYS A 29 -7.90 19.73 -0.19
N GLY A 30 -8.59 18.75 -0.76
CA GLY A 30 -7.91 17.62 -1.43
C GLY A 30 -7.48 18.00 -2.83
N GLN A 31 -6.27 17.64 -3.20
CA GLN A 31 -5.76 17.88 -4.54
C GLN A 31 -6.02 16.61 -5.36
N ARG A 32 -5.58 15.47 -4.82
CA ARG A 32 -5.63 14.20 -5.51
C ARG A 32 -5.22 13.07 -4.60
N VAL A 33 -5.57 11.87 -4.97
CA VAL A 33 -5.25 10.70 -4.19
C VAL A 33 -3.84 10.25 -4.55
N LEU A 34 -3.04 9.96 -3.53
CA LEU A 34 -1.66 9.53 -3.71
C LEU A 34 -1.60 8.01 -3.78
N GLY A 35 -2.51 7.34 -3.06
CA GLY A 35 -2.52 5.90 -3.02
C GLY A 35 -3.14 5.38 -1.75
N LYS A 36 -3.09 4.07 -1.62
CA LYS A 36 -3.69 3.37 -0.54
C LYS A 36 -2.55 2.73 0.22
N GLY A 37 -2.53 2.96 1.52
CA GLY A 37 -1.55 2.35 2.37
C GLY A 37 -2.28 1.69 3.49
N SER A 38 -1.53 1.30 4.53
CA SER A 38 -2.12 0.60 5.65
C SER A 38 -3.10 1.54 6.34
N PHE A 39 -4.30 1.01 6.63
CA PHE A 39 -5.39 1.63 7.39
C PHE A 39 -6.20 2.71 6.64
N GLY A 40 -5.76 3.14 5.47
CA GLY A 40 -6.52 4.10 4.73
C GLY A 40 -5.91 4.62 3.45
N GLU A 41 -6.71 5.43 2.77
CA GLU A 41 -6.27 6.16 1.59
C GLU A 41 -5.38 7.32 2.03
N VAL A 42 -4.44 7.68 1.20
CA VAL A 42 -3.62 8.82 1.43
C VAL A 42 -3.89 9.82 0.31
N ILE A 43 -4.20 11.04 0.72
CA ILE A 43 -4.60 12.11 -0.16
C ILE A 43 -3.59 13.25 -0.04
N LEU A 44 -3.19 13.81 -1.18
CA LEU A 44 -2.39 15.03 -1.23
C LEU A 44 -3.34 16.20 -0.96
N CYS A 45 -3.10 16.94 0.12
CA CYS A 45 -3.95 18.04 0.52
C CYS A 45 -3.19 19.32 0.61
N LYS A 46 -3.95 20.40 0.65
CA LYS A 46 -3.34 21.69 0.63
C LYS A 46 -4.08 22.57 1.64
N ASP A 47 -3.31 23.28 2.47
CA ASP A 47 -3.88 24.16 3.47
C ASP A 47 -4.56 25.34 2.76
N LYS A 48 -5.82 25.58 3.07
CA LYS A 48 -6.57 26.66 2.39
C LYS A 48 -6.08 28.10 2.60
N ILE A 49 -5.25 28.31 3.62
CA ILE A 49 -4.68 29.60 3.92
C ILE A 49 -3.19 29.74 3.52
N THR A 50 -2.34 28.82 3.97
CA THR A 50 -0.89 28.94 3.80
C THR A 50 -0.39 28.31 2.50
N GLY A 51 -1.24 27.52 1.85
CA GLY A 51 -0.85 26.80 0.63
C GLY A 51 0.07 25.60 0.87
N GLN A 52 0.32 25.28 2.13
CA GLN A 52 1.18 24.15 2.48
C GLN A 52 0.54 22.86 2.00
N GLU A 53 1.31 22.09 1.25
CA GLU A 53 0.94 20.78 0.83
C GLU A 53 1.30 19.78 1.89
N CYS A 54 0.41 18.81 2.06
CA CYS A 54 0.64 17.74 3.02
CA CYS A 54 0.57 17.76 3.06
C CYS A 54 0.03 16.46 2.51
N ALA A 55 0.42 15.36 3.13
CA ALA A 55 -0.11 14.04 2.78
C ALA A 55 -0.99 13.59 3.96
N VAL A 56 -2.28 13.41 3.74
CA VAL A 56 -3.19 13.04 4.81
C VAL A 56 -3.61 11.57 4.67
N LYS A 57 -3.41 10.79 5.73
CA LYS A 57 -3.90 9.44 5.74
C LYS A 57 -5.24 9.48 6.41
N VAL A 58 -6.25 9.01 5.70
CA VAL A 58 -7.64 9.05 6.15
C VAL A 58 -8.06 7.64 6.54
N ILE A 59 -8.31 7.45 7.82
CA ILE A 59 -8.72 6.16 8.36
C ILE A 59 -10.21 6.11 8.68
N SER A 60 -10.91 5.21 8.00
CA SER A 60 -12.33 5.04 8.18
C SER A 60 -12.64 4.15 9.39
N LYS A 61 -13.39 4.72 10.34
CA LYS A 61 -13.76 4.01 11.58
C LYS A 61 -14.60 2.76 11.34
N ARG A 62 -15.43 2.78 10.29
CA ARG A 62 -16.26 1.63 9.92
C ARG A 62 -15.46 0.42 9.50
N GLN A 63 -14.29 0.70 8.96
CA GLN A 63 -13.48 -0.30 8.29
C GLN A 63 -12.27 -0.71 9.12
N VAL A 64 -11.85 0.18 10.02
CA VAL A 64 -10.72 -0.05 10.89
C VAL A 64 -11.14 0.17 12.34
N LYS A 65 -11.00 -0.89 13.12
CA LYS A 65 -11.31 -0.85 14.51
C LYS A 65 -10.09 -0.35 15.27
N GLN A 66 -10.33 0.36 16.36
CA GLN A 66 -9.29 0.79 17.28
C GLN A 66 -8.93 -0.30 18.28
N LYS A 67 -7.68 -0.29 18.72
CA LYS A 67 -7.21 -1.23 19.75
C LYS A 67 -7.13 -0.62 21.16
N THR A 68 -7.00 0.71 21.21
CA THR A 68 -6.68 1.44 22.43
C THR A 68 -7.83 2.38 22.77
N ASP A 69 -7.80 3.00 23.92
CA ASP A 69 -8.87 3.96 24.22
C ASP A 69 -8.54 5.30 23.55
N LYS A 70 -9.50 6.19 23.52
CA LYS A 70 -9.27 7.49 22.91
C LYS A 70 -8.09 8.14 23.60
N GLU A 71 -8.17 8.18 24.91
CA GLU A 71 -7.13 8.75 25.71
C GLU A 71 -5.72 8.38 25.24
N SER A 72 -5.47 7.09 25.09
CA SER A 72 -4.13 6.57 24.73
C SER A 72 -3.69 6.98 23.31
N LEU A 73 -4.64 7.02 22.39
CA LEU A 73 -4.37 7.50 21.05
C LEU A 73 -4.02 9.00 21.02
N LEU A 74 -4.79 9.82 21.72
CA LEU A 74 -4.52 11.25 21.79
C LEU A 74 -3.10 11.52 22.28
N ARG A 75 -2.65 10.78 23.31
N ARG A 75 -2.66 10.77 23.29
CA ARG A 75 -1.32 10.98 23.89
CA ARG A 75 -1.35 10.96 23.90
C ARG A 75 -0.20 10.53 22.97
C ARG A 75 -0.22 10.53 22.97
N GLU A 76 -0.43 9.45 22.24
CA GLU A 76 0.54 9.00 21.23
C GLU A 76 0.69 10.01 20.08
N VAL A 77 -0.44 10.47 19.56
CA VAL A 77 -0.43 11.55 18.57
C VAL A 77 0.36 12.78 19.04
N GLN A 78 0.09 13.19 20.27
CA GLN A 78 0.76 14.35 20.80
C GLN A 78 2.28 14.16 20.88
N LEU A 79 2.72 12.97 21.29
CA LEU A 79 4.13 12.64 21.29
C LEU A 79 4.67 12.64 19.88
N LEU A 80 3.99 11.98 18.95
CA LEU A 80 4.47 11.90 17.56
C LEU A 80 4.63 13.26 16.88
N LYS A 81 3.73 14.19 17.16
CA LYS A 81 3.89 15.54 16.64
C LYS A 81 5.20 16.23 17.09
N GLN A 82 5.78 15.78 18.19
CA GLN A 82 7.00 16.36 18.75
C GLN A 82 8.27 15.65 18.36
N LEU A 83 8.15 14.45 17.80
CA LEU A 83 9.32 13.68 17.47
C LEU A 83 9.86 14.14 16.14
N ASP A 84 11.15 13.99 15.98
CA ASP A 84 11.82 14.56 14.84
C ASP A 84 13.12 13.85 14.53
N HIS A 85 13.12 13.22 13.37
CA HIS A 85 14.25 12.47 12.91
C HIS A 85 14.22 12.47 11.36
N PRO A 86 15.38 12.63 10.73
CA PRO A 86 15.39 12.68 9.26
C PRO A 86 14.93 11.42 8.51
N ASN A 87 14.85 10.28 9.16
CA ASN A 87 14.41 9.05 8.49
C ASN A 87 13.00 8.62 8.93
N ILE A 88 12.27 9.56 9.55
CA ILE A 88 10.95 9.32 10.05
C ILE A 88 9.98 10.37 9.50
N MET A 89 8.87 9.89 8.96
CA MET A 89 7.83 10.80 8.49
C MET A 89 7.39 11.75 9.59
N LYS A 90 7.36 13.02 9.27
CA LYS A 90 6.88 14.05 10.17
C LYS A 90 5.36 14.08 10.17
N LEU A 91 4.78 13.95 11.37
CA LEU A 91 3.37 14.16 11.58
C LEU A 91 3.09 15.61 12.05
N TYR A 92 2.15 16.30 11.40
CA TYR A 92 1.88 17.72 11.68
C TYR A 92 0.61 17.94 12.47
N GLU A 93 -0.46 17.26 12.08
CA GLU A 93 -1.79 17.43 12.70
C GLU A 93 -2.55 16.13 12.73
N PHE A 94 -3.59 16.13 13.55
CA PHE A 94 -4.49 15.01 13.71
C PHE A 94 -5.90 15.55 13.91
N PHE A 95 -6.85 14.98 13.20
CA PHE A 95 -8.25 15.37 13.30
C PHE A 95 -9.10 14.11 13.39
N GLU A 96 -10.30 14.29 13.90
CA GLU A 96 -11.20 13.20 14.06
C GLU A 96 -12.59 13.74 13.97
N ASP A 97 -13.45 13.04 13.24
CA ASP A 97 -14.84 13.35 13.25
C ASP A 97 -15.63 12.04 13.43
N LYS A 98 -16.92 12.11 13.19
CA LYS A 98 -17.85 10.98 13.31
C LYS A 98 -17.35 9.73 12.56
N GLY A 99 -16.92 9.86 11.30
CA GLY A 99 -16.60 8.71 10.45
C GLY A 99 -15.12 8.39 10.29
N TYR A 100 -14.23 9.35 10.59
CA TYR A 100 -12.84 9.25 10.17
C TYR A 100 -11.86 9.85 11.13
N PHE A 101 -10.63 9.38 11.00
CA PHE A 101 -9.45 9.98 11.58
C PHE A 101 -8.62 10.49 10.43
N TYR A 102 -7.97 11.63 10.62
CA TYR A 102 -7.18 12.25 9.57
C TYR A 102 -5.80 12.52 10.08
N LEU A 103 -4.80 11.87 9.52
CA LEU A 103 -3.43 12.04 9.99
C LEU A 103 -2.67 12.82 8.94
N VAL A 104 -2.26 14.02 9.29
CA VAL A 104 -1.72 14.95 8.34
C VAL A 104 -0.23 14.99 8.51
N GLY A 105 0.50 14.69 7.45
CA GLY A 105 1.98 14.70 7.54
C GLY A 105 2.65 15.21 6.29
N GLU A 106 3.95 15.14 6.30
CA GLU A 106 4.74 15.77 5.29
C GLU A 106 4.64 14.90 4.04
N VAL A 107 4.60 15.54 2.87
CA VAL A 107 4.54 14.85 1.58
C VAL A 107 5.95 14.47 1.18
N TYR A 108 6.11 13.23 0.76
CA TYR A 108 7.31 12.77 0.10
C TYR A 108 6.99 12.34 -1.33
N THR A 109 7.90 12.67 -2.23
CA THR A 109 7.65 12.57 -3.66
C THR A 109 8.57 11.59 -4.38
N GLY A 110 9.45 10.93 -3.65
CA GLY A 110 10.43 10.01 -4.23
C GLY A 110 9.93 8.60 -4.45
N GLY A 111 8.76 8.27 -3.89
CA GLY A 111 8.14 6.96 -4.09
C GLY A 111 8.75 5.86 -3.23
N GLU A 112 8.33 4.62 -3.45
CA GLU A 112 8.81 3.51 -2.63
C GLU A 112 10.25 3.16 -2.95
N LEU A 113 11.04 2.88 -1.91
CA LEU A 113 12.43 2.53 -2.10
C LEU A 113 12.68 1.47 -3.20
N PHE A 114 11.97 0.34 -3.17
CA PHE A 114 12.25 -0.77 -4.11
C PHE A 114 11.92 -0.39 -5.55
N ASP A 115 10.96 0.52 -5.72
CA ASP A 115 10.58 1.02 -7.05
C ASP A 115 11.73 1.83 -7.66
N GLU A 116 12.47 2.53 -6.81
CA GLU A 116 13.63 3.27 -7.26
C GLU A 116 14.81 2.34 -7.48
N ILE A 117 14.95 1.32 -6.65
CA ILE A 117 16.08 0.40 -6.80
C ILE A 117 16.03 -0.43 -8.07
N ILE A 118 14.84 -0.85 -8.46
CA ILE A 118 14.73 -1.62 -9.69
C ILE A 118 15.10 -0.77 -10.91
N SER A 119 14.98 0.54 -10.81
CA SER A 119 15.32 1.43 -11.92
C SER A 119 16.82 1.70 -12.10
N ARG A 120 17.70 1.21 -11.21
CA ARG A 120 19.13 1.55 -11.32
C ARG A 120 19.92 0.44 -11.98
N LYS A 121 21.03 0.81 -12.61
CA LYS A 121 21.80 -0.15 -13.41
C LYS A 121 22.64 -1.03 -12.51
N ARG A 122 23.24 -0.44 -11.48
CA ARG A 122 24.01 -1.24 -10.52
C ARG A 122 23.57 -0.97 -9.09
N PHE A 123 23.95 -1.89 -8.21
CA PHE A 123 23.57 -1.87 -6.79
C PHE A 123 24.57 -2.72 -6.03
N SER A 124 25.31 -2.11 -5.11
CA SER A 124 26.32 -2.82 -4.36
C SER A 124 25.93 -2.93 -2.88
N GLU A 125 26.72 -3.69 -2.12
CA GLU A 125 26.57 -3.77 -0.67
C GLU A 125 26.72 -2.41 -0.04
N VAL A 126 27.48 -1.50 -0.65
CA VAL A 126 27.60 -0.14 -0.13
C VAL A 126 26.29 0.60 -0.22
N ASP A 127 25.55 0.40 -1.30
CA ASP A 127 24.24 1.02 -1.48
C ASP A 127 23.28 0.47 -0.48
N ALA A 128 23.33 -0.84 -0.24
CA ALA A 128 22.45 -1.50 0.72
C ALA A 128 22.74 -1.06 2.14
N ALA A 129 24.01 -0.96 2.49
CA ALA A 129 24.44 -0.58 3.82
C ALA A 129 23.97 0.84 4.12
N ARG A 130 24.06 1.72 3.14
CA ARG A 130 23.62 3.11 3.31
C ARG A 130 22.09 3.21 3.50
N ILE A 131 21.36 2.34 2.83
CA ILE A 131 19.94 2.23 3.02
C ILE A 131 19.60 1.69 4.40
N ILE A 132 20.20 0.56 4.76
CA ILE A 132 19.90 -0.06 6.03
C ILE A 132 20.33 0.83 7.21
N ARG A 133 21.43 1.58 7.08
CA ARG A 133 21.83 2.51 8.14
CA ARG A 133 21.83 2.53 8.14
C ARG A 133 20.70 3.50 8.41
N GLN A 134 20.12 4.06 7.36
CA GLN A 134 19.01 4.99 7.48
C GLN A 134 17.83 4.38 8.20
N VAL A 135 17.49 3.16 7.86
CA VAL A 135 16.34 2.51 8.44
C VAL A 135 16.63 2.29 9.93
N LEU A 136 17.82 1.77 10.25
CA LEU A 136 18.19 1.49 11.61
C LEU A 136 18.28 2.77 12.44
N SER A 137 18.70 3.84 11.82
CA SER A 137 18.80 5.12 12.52
C SER A 137 17.39 5.63 12.90
N GLY A 138 16.43 5.54 11.99
CA GLY A 138 15.02 5.90 12.27
C GLY A 138 14.44 5.05 13.36
N ILE A 139 14.67 3.76 13.26
CA ILE A 139 14.12 2.81 14.18
C ILE A 139 14.72 3.03 15.55
N THR A 140 16.04 3.16 15.61
CA THR A 140 16.72 3.40 16.89
C THR A 140 16.09 4.57 17.63
N TYR A 141 15.91 5.66 16.91
CA TYR A 141 15.29 6.83 17.51
C TYR A 141 13.88 6.54 18.02
N MET A 142 13.07 5.85 17.22
CA MET A 142 11.69 5.57 17.62
C MET A 142 11.63 4.68 18.88
N HIS A 143 12.57 3.73 18.95
CA HIS A 143 12.67 2.80 20.07
C HIS A 143 13.02 3.52 21.33
N LYS A 144 13.92 4.50 21.24
CA LYS A 144 14.24 5.34 22.38
C LYS A 144 13.04 6.03 22.92
N ASN A 145 12.07 6.25 22.06
CA ASN A 145 10.84 6.94 22.45
C ASN A 145 9.68 5.98 22.74
N LYS A 146 9.99 4.69 22.80
CA LYS A 146 9.03 3.62 23.12
C LYS A 146 7.88 3.49 22.10
N ILE A 147 8.20 3.64 20.84
CA ILE A 147 7.25 3.48 19.75
C ILE A 147 7.79 2.39 18.86
N VAL A 148 6.93 1.43 18.60
CA VAL A 148 7.25 0.26 17.82
C VAL A 148 6.47 0.36 16.48
N HIS A 149 7.07 -0.09 15.39
CA HIS A 149 6.34 -0.12 14.14
C HIS A 149 5.50 -1.39 14.04
N ARG A 150 6.19 -2.52 14.12
CA ARG A 150 5.59 -3.84 13.98
C ARG A 150 5.27 -4.26 12.54
N ASP A 151 4.83 -3.35 11.67
CA ASP A 151 4.52 -3.70 10.28
C ASP A 151 5.52 -3.16 9.29
N LEU A 152 6.76 -3.08 9.69
CA LEU A 152 7.80 -2.56 8.82
C LEU A 152 7.94 -3.46 7.61
N LYS A 153 7.91 -2.84 6.44
CA LYS A 153 8.14 -3.52 5.16
C LYS A 153 8.56 -2.54 4.08
N PRO A 154 9.00 -3.02 2.92
CA PRO A 154 9.42 -2.15 1.81
C PRO A 154 8.47 -0.98 1.45
N GLU A 155 7.16 -1.17 1.43
CA GLU A 155 6.18 -0.11 1.13
C GLU A 155 6.21 1.05 2.10
N ASN A 156 6.71 0.81 3.32
CA ASN A 156 6.80 1.85 4.34
C ASN A 156 8.11 2.60 4.35
N LEU A 157 8.97 2.29 3.39
CA LEU A 157 10.18 3.07 3.12
C LEU A 157 10.01 3.91 1.87
N LEU A 158 9.75 5.20 2.06
CA LEU A 158 9.63 6.18 0.98
C LEU A 158 10.92 7.01 0.85
N LEU A 159 11.29 7.39 -0.35
CA LEU A 159 12.39 8.32 -0.52
C LEU A 159 11.79 9.74 -0.45
N GLU A 160 12.50 10.62 0.24
CA GLU A 160 11.99 11.98 0.56
C GLU A 160 11.64 12.76 -0.70
N SER A 161 12.53 12.68 -1.68
CA SER A 161 12.37 13.34 -2.96
C SER A 161 12.86 12.42 -4.06
N LYS A 162 12.81 12.93 -5.27
CA LYS A 162 13.10 12.16 -6.45
C LYS A 162 14.54 12.43 -6.82
N SER A 163 15.29 13.08 -5.94
CA SER A 163 16.71 13.23 -6.13
C SER A 163 17.33 11.88 -5.98
N LYS A 164 18.63 11.83 -5.79
CA LYS A 164 19.32 10.55 -5.81
C LYS A 164 20.15 10.30 -4.57
N ASP A 165 20.54 11.37 -3.88
CA ASP A 165 21.07 11.22 -2.54
C ASP A 165 19.92 11.43 -1.56
N ALA A 166 18.73 10.96 -1.91
CA ALA A 166 17.57 11.28 -1.09
C ALA A 166 17.49 10.36 0.12
N ASN A 167 16.96 10.91 1.19
CA ASN A 167 16.79 10.18 2.41
C ASN A 167 15.57 9.34 2.40
N ILE A 168 15.63 8.26 3.19
CA ILE A 168 14.50 7.37 3.37
C ILE A 168 13.70 7.90 4.50
N ARG A 169 12.40 7.92 4.36
CA ARG A 169 11.48 8.29 5.40
C ARG A 169 10.59 7.12 5.65
N ILE A 170 10.51 6.65 6.90
CA ILE A 170 9.72 5.50 7.24
C ILE A 170 8.36 6.04 7.63
N ILE A 171 7.31 5.44 7.09
CA ILE A 171 5.93 5.78 7.39
C ILE A 171 5.26 4.74 8.25
N ASP A 172 4.19 5.18 8.90
CA ASP A 172 3.31 4.35 9.69
C ASP A 172 3.84 3.94 11.07
N PHE A 173 4.94 4.52 11.55
CA PHE A 173 5.36 4.23 12.93
C PHE A 173 4.25 4.54 13.89
N GLY A 174 3.88 3.57 14.70
CA GLY A 174 2.96 3.83 15.80
C GLY A 174 1.52 3.48 15.50
N LEU A 175 1.17 3.38 14.22
CA LEU A 175 -0.20 3.07 13.86
C LEU A 175 -0.72 1.72 14.33
N SER A 176 0.07 0.67 14.14
CA SER A 176 -0.39 -0.67 14.35
C SER A 176 -0.71 -0.93 15.84
N THR A 177 -0.17 -0.12 16.74
CA THR A 177 -0.43 -0.23 18.14
C THR A 177 -1.87 0.22 18.44
N HIS A 178 -2.39 1.15 17.66
CA HIS A 178 -3.71 1.74 17.93
C HIS A 178 -4.84 1.30 17.04
N PHE A 179 -4.53 0.67 15.92
CA PHE A 179 -5.58 0.23 15.01
C PHE A 179 -5.39 -1.23 14.58
N GLU A 180 -6.48 -1.95 14.42
CA GLU A 180 -6.40 -3.36 14.02
C GLU A 180 -6.24 -3.49 12.53
N ALA A 181 -5.27 -4.33 12.15
CA ALA A 181 -5.00 -4.67 10.76
C ALA A 181 -6.24 -5.27 10.05
N SER A 182 -6.40 -4.94 8.77
CA SER A 182 -7.39 -5.57 7.91
C SER A 182 -7.06 -7.06 7.80
N LYS A 183 -8.11 -7.86 7.78
CA LYS A 183 -7.98 -9.28 7.51
C LYS A 183 -8.09 -9.55 6.01
N LYS A 184 -8.41 -8.52 5.23
CA LYS A 184 -8.60 -8.65 3.79
C LYS A 184 -7.26 -8.70 3.07
N MET A 185 -7.16 -9.66 2.14
CA MET A 185 -5.93 -9.91 1.41
C MET A 185 -5.49 -8.68 0.61
N LYS A 186 -6.42 -7.97 0.01
CA LYS A 186 -6.06 -6.76 -0.74
C LYS A 186 -5.24 -5.79 0.13
N ASP A 187 -5.50 -5.80 1.45
CA ASP A 187 -4.73 -5.01 2.43
C ASP A 187 -3.55 -5.80 3.04
N LYS A 188 -3.53 -7.12 2.88
CA LYS A 188 -2.48 -7.97 3.44
C LYS A 188 -1.27 -8.20 2.55
N ILE A 189 -1.38 -7.95 1.24
CA ILE A 189 -0.30 -8.30 0.31
C ILE A 189 1.04 -7.83 0.84
N GLY A 190 2.00 -8.74 0.88
CA GLY A 190 3.33 -8.39 1.26
C GLY A 190 3.63 -8.54 2.72
N THR A 191 2.62 -8.58 3.58
CA THR A 191 2.86 -8.53 5.01
C THR A 191 3.61 -9.74 5.54
N ALA A 192 3.30 -10.91 5.04
CA ALA A 192 3.78 -12.14 5.67
C ALA A 192 5.31 -12.33 5.62
N TYR A 193 5.98 -11.78 4.63
CA TYR A 193 7.42 -11.99 4.50
C TYR A 193 8.18 -11.35 5.67
N TYR A 194 7.60 -10.25 6.18
CA TYR A 194 8.34 -9.30 7.01
C TYR A 194 8.05 -9.40 8.50
N ILE A 195 6.96 -10.08 8.86
CA ILE A 195 6.44 -10.06 10.22
C ILE A 195 7.32 -10.96 11.10
N ALA A 196 7.65 -10.48 12.30
CA ALA A 196 8.49 -11.26 13.21
C ALA A 196 7.70 -12.42 13.80
N PRO A 197 8.35 -13.57 14.04
CA PRO A 197 7.60 -14.72 14.53
C PRO A 197 6.83 -14.47 15.83
N GLU A 198 7.43 -13.69 16.75
CA GLU A 198 6.83 -13.39 18.03
C GLU A 198 5.54 -12.57 17.91
N VAL A 199 5.43 -11.79 16.85
CA VAL A 199 4.18 -11.08 16.57
C VAL A 199 3.04 -12.07 16.27
N LEU A 200 3.36 -13.16 15.60
CA LEU A 200 2.35 -14.17 15.33
C LEU A 200 1.80 -14.75 16.60
N HIS A 201 2.66 -14.93 17.59
CA HIS A 201 2.26 -15.59 18.84
C HIS A 201 1.74 -14.67 19.92
N GLY A 202 1.89 -13.36 19.78
CA GLY A 202 1.25 -12.38 20.69
C GLY A 202 2.14 -11.61 21.69
N THR A 203 3.33 -12.15 22.02
CA THR A 203 4.22 -11.53 22.92
C THR A 203 5.34 -10.96 22.09
N TYR A 204 5.32 -9.63 21.90
CA TYR A 204 6.33 -8.94 21.11
C TYR A 204 6.67 -7.60 21.74
N ASP A 205 7.86 -7.13 21.36
CA ASP A 205 8.39 -5.85 21.76
C ASP A 205 9.13 -5.21 20.55
N GLU A 206 9.92 -4.18 20.82
CA GLU A 206 10.56 -3.41 19.74
C GLU A 206 11.51 -4.24 18.88
N LYS A 207 11.99 -5.35 19.40
CA LYS A 207 12.83 -6.22 18.57
C LYS A 207 12.16 -6.73 17.31
N CYS A 208 10.83 -6.76 17.24
CA CYS A 208 10.18 -7.22 16.03
C CYS A 208 10.60 -6.36 14.85
N ASP A 209 10.86 -5.06 15.08
CA ASP A 209 11.29 -4.17 14.00
C ASP A 209 12.72 -4.51 13.51
N VAL A 210 13.56 -5.05 14.36
CA VAL A 210 14.88 -5.49 13.85
C VAL A 210 14.78 -6.74 12.93
N TRP A 211 13.93 -7.69 13.30
CA TRP A 211 13.66 -8.82 12.44
C TRP A 211 13.22 -8.37 11.04
N SER A 212 12.21 -7.51 10.98
CA SER A 212 11.66 -7.03 9.75
C SER A 212 12.76 -6.38 8.86
N THR A 213 13.63 -5.62 9.50
CA THR A 213 14.76 -5.01 8.81
C THR A 213 15.75 -6.06 8.30
N GLY A 214 15.97 -7.09 9.08
CA GLY A 214 16.78 -8.23 8.63
C GLY A 214 16.25 -8.86 7.38
N VAL A 215 14.92 -9.00 7.31
CA VAL A 215 14.26 -9.58 6.12
C VAL A 215 14.46 -8.67 4.94
N ILE A 216 14.24 -7.39 5.14
CA ILE A 216 14.41 -6.42 4.08
C ILE A 216 15.84 -6.43 3.57
N LEU A 217 16.80 -6.39 4.49
CA LEU A 217 18.22 -6.53 4.09
C LEU A 217 18.51 -7.83 3.34
N TYR A 218 18.02 -8.97 3.81
CA TYR A 218 18.22 -10.24 3.07
C TYR A 218 17.76 -10.07 1.63
N ILE A 219 16.64 -9.39 1.44
CA ILE A 219 16.10 -9.18 0.10
C ILE A 219 16.97 -8.22 -0.72
N LEU A 220 17.46 -7.16 -0.09
CA LEU A 220 18.29 -6.21 -0.83
C LEU A 220 19.54 -6.86 -1.42
N LEU A 221 20.08 -7.84 -0.69
CA LEU A 221 21.32 -8.51 -1.06
C LEU A 221 21.16 -9.81 -1.85
N SER A 222 19.97 -10.40 -1.89
CA SER A 222 19.74 -11.59 -2.73
C SER A 222 18.59 -11.43 -3.72
N GLY A 223 17.65 -10.54 -3.43
CA GLY A 223 16.44 -10.38 -4.26
C GLY A 223 15.32 -11.39 -4.01
N CYS A 224 15.48 -12.31 -3.06
CA CYS A 224 14.43 -13.26 -2.68
C CYS A 224 14.14 -13.13 -1.17
N PRO A 225 12.88 -13.32 -0.78
CA PRO A 225 12.55 -13.39 0.62
C PRO A 225 13.23 -14.57 1.30
N PRO A 226 13.79 -14.36 2.50
CA PRO A 226 14.26 -15.52 3.22
C PRO A 226 13.15 -16.53 3.58
N PHE A 227 11.93 -16.06 3.84
CA PHE A 227 10.81 -16.95 4.17
C PHE A 227 9.76 -16.82 3.09
N ASN A 228 9.57 -17.89 2.34
CA ASN A 228 8.75 -17.80 1.14
C ASN A 228 7.87 -18.99 1.05
N GLY A 229 6.91 -18.87 0.15
CA GLY A 229 5.89 -19.91 0.01
C GLY A 229 4.89 -19.56 -1.08
N ALA A 230 4.03 -20.51 -1.33
CA ALA A 230 3.09 -20.45 -2.42
C ALA A 230 1.79 -19.73 -2.05
N ASN A 231 1.66 -19.36 -0.78
CA ASN A 231 0.50 -18.60 -0.34
C ASN A 231 0.81 -18.03 1.02
N GLU A 232 -0.09 -17.21 1.53
CA GLU A 232 0.19 -16.47 2.73
C GLU A 232 0.50 -17.37 3.90
N TYR A 233 -0.31 -18.39 4.09
CA TYR A 233 -0.15 -19.27 5.21
C TYR A 233 1.12 -20.09 5.12
N ASP A 234 1.53 -20.47 3.92
CA ASP A 234 2.81 -21.16 3.75
C ASP A 234 3.98 -20.28 4.09
N ILE A 235 3.87 -18.98 3.82
CA ILE A 235 4.92 -18.03 4.17
C ILE A 235 4.97 -17.95 5.70
N LEU A 236 3.82 -17.66 6.30
CA LEU A 236 3.71 -17.59 7.76
C LEU A 236 4.29 -18.86 8.44
N LYS A 237 4.06 -20.03 7.86
CA LYS A 237 4.60 -21.29 8.42
C LYS A 237 6.11 -21.31 8.44
N LYS A 238 6.73 -20.82 7.38
CA LYS A 238 8.20 -20.72 7.31
C LYS A 238 8.72 -19.74 8.31
N VAL A 239 8.05 -18.61 8.43
CA VAL A 239 8.46 -17.57 9.36
C VAL A 239 8.43 -18.12 10.78
N GLU A 240 7.34 -18.77 11.12
CA GLU A 240 7.17 -19.28 12.44
C GLU A 240 8.25 -20.31 12.80
N LYS A 241 8.65 -21.16 11.85
CA LYS A 241 9.77 -22.09 12.09
C LYS A 241 11.10 -21.31 12.17
N GLY A 242 11.17 -20.21 11.46
CA GLY A 242 12.29 -19.30 11.58
C GLY A 242 13.55 -19.68 10.89
N LYS A 243 13.54 -20.74 10.07
CA LYS A 243 14.75 -21.22 9.41
C LYS A 243 14.92 -20.64 8.00
N TYR A 244 16.16 -20.33 7.62
CA TYR A 244 16.46 -19.68 6.36
C TYR A 244 17.90 -20.10 6.12
N THR A 245 18.36 -19.96 4.87
CA THR A 245 19.70 -20.31 4.50
C THR A 245 20.27 -19.29 3.56
N PHE A 246 21.60 -19.34 3.42
CA PHE A 246 22.34 -18.53 2.47
C PHE A 246 22.97 -19.44 1.41
N GLU A 247 22.22 -20.41 0.92
CA GLU A 247 22.77 -21.37 -0.04
C GLU A 247 22.49 -21.01 -1.50
N LEU A 248 21.80 -19.91 -1.75
CA LEU A 248 21.54 -19.48 -3.13
C LEU A 248 22.82 -18.92 -3.78
N PRO A 249 23.00 -19.14 -5.10
CA PRO A 249 24.23 -18.72 -5.79
C PRO A 249 24.63 -17.28 -5.50
N GLN A 250 23.67 -16.37 -5.50
CA GLN A 250 23.99 -14.95 -5.38
C GLN A 250 24.48 -14.54 -3.99
N TRP A 251 24.37 -15.40 -2.98
CA TRP A 251 25.05 -15.17 -1.70
C TRP A 251 26.56 -15.36 -1.80
N LYS A 252 27.06 -16.02 -2.84
CA LYS A 252 28.51 -16.19 -3.02
C LYS A 252 29.21 -14.84 -3.24
N LYS A 253 28.53 -13.89 -3.86
CA LYS A 253 29.04 -12.51 -4.03
C LYS A 253 29.03 -11.60 -2.76
N VAL A 254 28.56 -12.09 -1.62
CA VAL A 254 28.26 -11.25 -0.46
C VAL A 254 29.21 -11.45 0.72
N SER A 255 29.54 -10.36 1.40
CA SER A 255 30.50 -10.40 2.48
C SER A 255 29.99 -11.19 3.67
N GLU A 256 30.93 -11.80 4.39
CA GLU A 256 30.66 -12.52 5.60
C GLU A 256 29.99 -11.62 6.61
N SER A 257 30.48 -10.39 6.74
CA SER A 257 29.96 -9.49 7.75
C SER A 257 28.47 -9.20 7.52
N ALA A 258 28.04 -9.09 6.27
CA ALA A 258 26.62 -8.84 6.00
C ALA A 258 25.75 -10.03 6.41
N LYS A 259 26.20 -11.25 6.14
CA LYS A 259 25.44 -12.41 6.56
C LYS A 259 25.43 -12.57 8.08
N ASP A 260 26.50 -12.14 8.74
CA ASP A 260 26.58 -12.17 10.20
C ASP A 260 25.56 -11.21 10.81
N LEU A 261 25.43 -10.02 10.23
CA LEU A 261 24.46 -9.05 10.73
C LEU A 261 23.07 -9.61 10.48
N ILE A 262 22.83 -10.10 9.28
CA ILE A 262 21.55 -10.68 8.98
C ILE A 262 21.20 -11.76 9.99
N ARG A 263 22.17 -12.61 10.30
CA ARG A 263 21.92 -13.70 11.24
C ARG A 263 21.49 -13.12 12.60
N LYS A 264 22.15 -12.05 13.02
CA LYS A 264 21.87 -11.45 14.30
C LYS A 264 20.53 -10.78 14.34
N MET A 265 20.09 -10.28 13.20
CA MET A 265 18.80 -9.59 13.12
C MET A 265 17.66 -10.59 13.02
N LEU A 266 17.92 -11.70 12.35
CA LEU A 266 16.96 -12.75 12.18
C LEU A 266 17.15 -13.82 13.24
N THR A 267 17.64 -13.44 14.40
CA THR A 267 17.71 -14.32 15.54
C THR A 267 16.31 -14.51 16.11
N TYR A 268 15.94 -15.75 16.34
CA TYR A 268 14.56 -16.12 16.65
C TYR A 268 14.12 -15.56 17.99
N VAL A 269 14.87 -15.82 19.05
CA VAL A 269 14.45 -15.37 20.37
C VAL A 269 14.81 -13.89 20.49
N PRO A 270 13.80 -13.03 20.72
CA PRO A 270 14.03 -11.61 20.69
C PRO A 270 15.06 -11.13 21.64
N SER A 271 15.12 -11.69 22.84
CA SER A 271 16.09 -11.23 23.82
C SER A 271 17.54 -11.47 23.34
N MET A 272 17.75 -12.46 22.46
CA MET A 272 19.06 -12.73 21.90
CA MET A 272 19.06 -12.77 21.88
C MET A 272 19.28 -12.02 20.57
N ARG A 273 18.26 -11.39 20.02
CA ARG A 273 18.40 -10.64 18.77
C ARG A 273 19.03 -9.31 19.06
N ILE A 274 19.85 -8.83 18.11
CA ILE A 274 20.52 -7.55 18.22
C ILE A 274 19.50 -6.41 18.22
N SER A 275 19.80 -5.35 18.94
CA SER A 275 18.98 -4.16 18.92
C SER A 275 19.29 -3.33 17.71
N ALA A 276 18.42 -2.37 17.43
CA ALA A 276 18.60 -1.49 16.32
C ALA A 276 19.90 -0.73 16.54
N ARG A 277 20.11 -0.24 17.77
CA ARG A 277 21.21 0.66 18.06
C ARG A 277 22.51 -0.07 17.91
N ASP A 278 22.56 -1.31 18.40
CA ASP A 278 23.75 -2.14 18.28
C ASP A 278 24.01 -2.54 16.85
N ALA A 279 22.97 -2.69 16.04
CA ALA A 279 23.16 -3.05 14.63
C ALA A 279 23.84 -1.96 13.87
N LEU A 280 23.53 -0.71 14.23
CA LEU A 280 24.22 0.44 13.64
C LEU A 280 25.74 0.41 13.88
N ASP A 281 26.16 -0.25 14.94
CA ASP A 281 27.58 -0.37 15.22
C ASP A 281 28.14 -1.67 14.65
N HIS A 282 27.39 -2.41 13.87
CA HIS A 282 27.90 -3.69 13.38
C HIS A 282 29.02 -3.43 12.37
N GLU A 283 30.05 -4.27 12.40
CA GLU A 283 31.14 -4.21 11.44
C GLU A 283 30.69 -3.90 10.01
N TRP A 284 29.69 -4.62 9.51
CA TRP A 284 29.18 -4.43 8.16
C TRP A 284 28.66 -3.02 7.87
N ILE A 285 27.93 -2.43 8.79
CA ILE A 285 27.46 -1.04 8.62
C ILE A 285 28.64 -0.09 8.62
N GLN A 286 29.56 -0.31 9.56
CA GLN A 286 30.74 0.54 9.71
C GLN A 286 31.57 0.56 8.46
N THR A 287 31.91 -0.61 7.97
CA THR A 287 32.79 -0.75 6.82
C THR A 287 32.17 -0.19 5.54
N TYR A 288 30.95 -0.62 5.23
CA TYR A 288 30.30 -0.30 3.94
C TYR A 288 29.63 1.08 3.85
N THR A 289 29.52 1.79 4.96
CA THR A 289 28.98 3.15 4.96
C THR A 289 30.00 4.26 5.18
N LYS A 290 31.30 3.97 5.11
CA LYS A 290 32.31 5.06 5.08
C LYS A 290 33.13 5.08 3.82
N ASP A 296 35.92 -0.76 -5.93
CA ASP A 296 36.41 -2.06 -5.51
C ASP A 296 35.29 -2.84 -4.78
N VAL A 297 34.05 -2.49 -5.06
CA VAL A 297 32.89 -3.21 -4.54
C VAL A 297 31.90 -3.52 -5.69
N PRO A 298 31.64 -4.82 -5.92
CA PRO A 298 30.91 -5.17 -7.12
C PRO A 298 29.41 -4.90 -7.03
N SER A 299 28.81 -4.77 -8.22
CA SER A 299 27.37 -4.68 -8.35
C SER A 299 26.77 -6.05 -8.14
N LEU A 300 25.62 -6.09 -7.49
CA LEU A 300 24.86 -7.30 -7.28
C LEU A 300 23.79 -7.40 -8.38
N ASP A 301 24.18 -7.78 -9.58
CA ASP A 301 23.27 -7.77 -10.74
C ASP A 301 22.14 -8.80 -10.62
N ASN A 302 22.48 -10.00 -10.14
CA ASN A 302 21.48 -11.04 -9.94
C ASN A 302 20.43 -10.64 -8.87
N ALA A 303 20.85 -9.91 -7.85
CA ALA A 303 19.91 -9.44 -6.84
C ALA A 303 18.93 -8.37 -7.39
N ILE A 304 19.44 -7.42 -8.16
CA ILE A 304 18.58 -6.42 -8.84
C ILE A 304 17.51 -7.09 -9.72
N LEU A 305 17.94 -8.11 -10.45
CA LEU A 305 17.08 -8.85 -11.34
C LEU A 305 15.98 -9.53 -10.56
N ASN A 306 16.34 -10.15 -9.42
CA ASN A 306 15.35 -10.86 -8.62
C ASN A 306 14.38 -9.89 -7.95
N ILE A 307 14.91 -8.77 -7.48
CA ILE A 307 14.06 -7.73 -6.88
C ILE A 307 13.08 -7.15 -7.87
N ARG A 308 13.50 -6.85 -9.09
CA ARG A 308 12.54 -6.37 -10.08
C ARG A 308 11.48 -7.39 -10.45
N GLN A 309 11.82 -8.67 -10.42
CA GLN A 309 10.79 -9.70 -10.59
C GLN A 309 9.87 -9.81 -9.39
N PHE A 310 10.46 -9.79 -8.19
CA PHE A 310 9.68 -9.80 -6.95
C PHE A 310 8.68 -8.64 -6.90
N GLN A 311 9.19 -7.44 -7.15
CA GLN A 311 8.40 -6.23 -7.18
C GLN A 311 7.27 -6.27 -8.15
N GLY A 312 7.56 -6.63 -9.40
CA GLY A 312 6.55 -6.66 -10.44
C GLY A 312 5.42 -7.62 -10.09
N THR A 313 5.78 -8.78 -9.59
CA THR A 313 4.80 -9.73 -9.12
C THR A 313 3.92 -9.21 -8.00
N GLN A 314 4.56 -8.60 -6.98
CA GLN A 314 3.82 -8.01 -5.88
C GLN A 314 2.88 -6.94 -6.40
N LYS A 315 3.37 -6.08 -7.30
CA LYS A 315 2.55 -4.98 -7.81
C LYS A 315 1.36 -5.40 -8.65
N LEU A 316 1.57 -6.44 -9.45
CA LEU A 316 0.49 -7.01 -10.26
C LEU A 316 -0.56 -7.72 -9.40
N ALA A 317 -0.16 -8.51 -8.42
CA ALA A 317 -1.15 -9.16 -7.51
C ALA A 317 -1.95 -8.08 -6.77
N GLN A 318 -1.28 -7.03 -6.33
CA GLN A 318 -1.98 -5.94 -5.65
CA GLN A 318 -1.97 -5.92 -5.66
C GLN A 318 -3.02 -5.36 -6.59
N ALA A 319 -2.59 -5.05 -7.81
CA ALA A 319 -3.49 -4.45 -8.83
C ALA A 319 -4.61 -5.38 -9.19
N ALA A 320 -4.38 -6.69 -9.16
CA ALA A 320 -5.45 -7.61 -9.42
C ALA A 320 -6.50 -7.59 -8.34
N LEU A 321 -6.09 -7.58 -7.08
CA LEU A 321 -7.08 -7.48 -5.97
C LEU A 321 -7.85 -6.16 -5.95
N LEU A 322 -7.19 -5.07 -6.32
CA LEU A 322 -7.86 -3.76 -6.33
C LEU A 322 -8.88 -3.69 -7.45
N TYR A 323 -8.52 -4.28 -8.56
CA TYR A 323 -9.40 -4.31 -9.70
C TYR A 323 -10.66 -5.11 -9.34
N MET A 324 -10.48 -6.28 -8.73
CA MET A 324 -11.65 -7.09 -8.32
C MET A 324 -12.51 -6.34 -7.32
N GLY A 325 -11.88 -5.68 -6.34
CA GLY A 325 -12.60 -4.86 -5.38
C GLY A 325 -13.37 -3.76 -6.06
N SER A 326 -12.68 -3.07 -6.96
CA SER A 326 -13.28 -1.95 -7.70
C SER A 326 -14.49 -2.38 -8.51
N LYS A 327 -14.43 -3.55 -9.11
CA LYS A 327 -15.58 -4.03 -9.81
C LYS A 327 -16.74 -4.27 -8.82
N LEU A 328 -16.46 -4.88 -7.67
CA LEU A 328 -17.56 -5.13 -6.73
C LEU A 328 -18.14 -3.83 -6.18
N THR A 329 -17.27 -2.89 -5.82
CA THR A 329 -17.71 -1.56 -5.35
C THR A 329 -18.60 -0.89 -6.36
N SER A 330 -18.20 -0.94 -7.64
CA SER A 330 -19.03 -0.45 -8.73
C SER A 330 -20.41 -1.12 -8.82
N GLN A 331 -20.46 -2.45 -8.74
CA GLN A 331 -21.74 -3.12 -8.82
C GLN A 331 -22.60 -2.59 -7.70
N ASP A 332 -21.99 -2.39 -6.52
CA ASP A 332 -22.71 -1.95 -5.33
C ASP A 332 -23.18 -0.49 -5.51
N GLU A 333 -22.29 0.40 -5.93
CA GLU A 333 -22.57 1.84 -6.05
C GLU A 333 -23.47 2.22 -7.24
N THR A 334 -23.34 1.49 -8.35
CA THR A 334 -24.25 1.69 -9.47
C THR A 334 -25.72 1.50 -9.08
N LYS A 335 -26.04 0.38 -8.46
CA LYS A 335 -27.43 0.13 -8.10
C LYS A 335 -27.85 1.09 -7.01
N GLU A 336 -26.95 1.44 -6.09
CA GLU A 336 -27.36 2.32 -4.98
C GLU A 336 -27.70 3.70 -5.54
N LEU A 337 -26.86 4.16 -6.44
CA LEU A 337 -27.03 5.47 -7.00
C LEU A 337 -28.34 5.60 -7.81
N THR A 338 -28.64 4.58 -8.57
CA THR A 338 -29.89 4.53 -9.31
C THR A 338 -31.12 4.57 -8.40
N ALA A 339 -31.07 3.89 -7.25
CA ALA A 339 -32.20 3.84 -6.30
C ALA A 339 -32.39 5.19 -5.58
N ILE A 340 -31.26 5.81 -5.25
CA ILE A 340 -31.28 7.14 -4.69
C ILE A 340 -31.97 8.14 -5.65
N PHE A 341 -31.60 8.09 -6.94
CA PHE A 341 -32.17 9.01 -7.93
C PHE A 341 -33.63 8.69 -8.23
N HIS A 342 -33.95 7.41 -8.47
CA HIS A 342 -35.34 7.01 -8.61
C HIS A 342 -36.20 7.58 -7.47
N LYS A 343 -35.78 7.35 -6.21
CA LYS A 343 -36.50 7.93 -5.08
C LYS A 343 -36.65 9.46 -5.22
N MET A 344 -35.53 10.13 -5.53
CA MET A 344 -35.49 11.60 -5.65
C MET A 344 -36.39 12.14 -6.73
N ASP A 345 -36.53 11.37 -7.81
CA ASP A 345 -37.31 11.74 -9.01
C ASP A 345 -38.84 11.66 -8.72
N LYS A 346 -39.32 12.58 -7.88
CA LYS A 346 -40.73 12.59 -7.43
C LYS A 346 -41.72 12.45 -8.57
N ASN A 347 -41.56 13.27 -9.60
CA ASN A 347 -42.42 13.18 -10.79
C ASN A 347 -42.24 11.89 -11.59
N GLY A 348 -41.06 11.28 -11.53
CA GLY A 348 -40.84 9.97 -12.17
C GLY A 348 -40.67 10.00 -13.68
N ASP A 349 -40.17 11.13 -14.19
CA ASP A 349 -39.89 11.31 -15.63
C ASP A 349 -38.42 11.07 -16.01
N GLY A 350 -37.60 10.66 -15.01
CA GLY A 350 -36.18 10.38 -15.21
C GLY A 350 -35.27 11.61 -15.29
N GLN A 351 -35.77 12.78 -14.87
CA GLN A 351 -35.07 14.07 -15.04
C GLN A 351 -34.77 14.80 -13.70
N LEU A 352 -33.48 14.88 -13.36
CA LEU A 352 -33.01 15.67 -12.20
C LEU A 352 -32.11 16.83 -12.65
N ASP A 353 -32.04 17.89 -11.84
CA ASP A 353 -31.11 18.98 -12.14
C ASP A 353 -29.77 18.73 -11.45
N ARG A 354 -28.82 19.63 -11.70
CA ARG A 354 -27.46 19.49 -11.23
C ARG A 354 -27.38 19.47 -9.69
N ALA A 355 -28.16 20.32 -9.01
CA ALA A 355 -28.12 20.34 -7.54
C ALA A 355 -28.68 19.04 -6.95
N GLU A 356 -29.59 18.41 -7.69
CA GLU A 356 -30.17 17.15 -7.28
C GLU A 356 -29.16 16.00 -7.48
N LEU A 357 -28.53 15.92 -8.64
CA LEU A 357 -27.47 14.94 -8.87
C LEU A 357 -26.40 15.04 -7.79
N ILE A 358 -26.09 16.28 -7.39
CA ILE A 358 -25.13 16.55 -6.31
C ILE A 358 -25.67 16.02 -4.99
N GLU A 359 -26.93 16.29 -4.68
CA GLU A 359 -27.52 15.83 -3.41
C GLU A 359 -27.56 14.30 -3.33
N GLY A 360 -27.74 13.66 -4.50
CA GLY A 360 -27.83 12.21 -4.58
C GLY A 360 -26.47 11.58 -4.48
N TYR A 361 -25.51 12.17 -5.18
CA TYR A 361 -24.14 11.74 -5.09
C TYR A 361 -23.62 11.93 -3.66
N LYS A 362 -24.01 13.01 -3.00
CA LYS A 362 -23.72 13.19 -1.57
C LYS A 362 -24.37 12.12 -0.74
N GLU A 363 -25.64 11.84 -1.03
CA GLU A 363 -26.37 10.77 -0.35
C GLU A 363 -25.59 9.46 -0.47
N LEU A 364 -25.02 9.21 -1.65
CA LEU A 364 -24.23 8.01 -1.85
C LEU A 364 -23.00 8.00 -0.96
N MET A 365 -22.33 9.14 -0.83
CA MET A 365 -21.12 9.21 0.01
C MET A 365 -21.45 9.12 1.49
N ARG A 366 -22.64 9.57 1.87
CA ARG A 366 -23.10 9.52 3.24
C ARG A 366 -23.25 8.10 3.72
N MET A 367 -23.80 7.30 2.82
CA MET A 367 -23.99 5.86 2.98
C MET A 367 -22.68 5.05 2.87
N LYS A 368 -21.88 5.43 1.89
CA LYS A 368 -20.57 4.82 1.68
C LYS A 368 -19.55 5.44 2.62
N GLY A 369 -18.37 4.82 2.69
CA GLY A 369 -17.19 5.44 3.27
C GLY A 369 -16.00 5.40 2.31
N GLN A 370 -16.24 4.88 1.11
CA GLN A 370 -15.15 4.53 0.21
C GLN A 370 -14.35 5.72 -0.29
N ASP A 371 -14.96 6.90 -0.36
CA ASP A 371 -14.26 8.05 -0.88
C ASP A 371 -13.77 8.98 0.19
N ALA A 372 -12.47 8.84 0.46
CA ALA A 372 -11.64 9.86 1.05
C ALA A 372 -11.48 11.01 0.07
N SER A 373 -11.44 10.70 -1.23
CA SER A 373 -11.42 11.71 -2.31
C SER A 373 -12.55 12.77 -2.30
N MET A 374 -13.70 12.44 -1.74
CA MET A 374 -14.85 13.35 -1.67
C MET A 374 -15.01 13.83 -0.25
N LEU A 375 -14.07 14.65 0.18
CA LEU A 375 -13.97 15.05 1.58
C LEU A 375 -15.14 15.91 1.99
N ASP A 376 -15.51 16.85 1.14
CA ASP A 376 -16.51 17.83 1.50
C ASP A 376 -17.49 18.06 0.34
N ALA A 377 -18.49 18.91 0.57
CA ALA A 377 -19.50 19.25 -0.44
C ALA A 377 -18.90 19.73 -1.76
N SER A 378 -17.81 20.47 -1.64
CA SER A 378 -17.19 21.14 -2.77
C SER A 378 -16.43 20.18 -3.72
N ALA A 379 -15.87 19.10 -3.18
CA ALA A 379 -15.19 18.08 -3.99
C ALA A 379 -16.23 17.29 -4.76
N VAL A 380 -17.40 17.16 -4.17
CA VAL A 380 -18.50 16.45 -4.81
C VAL A 380 -19.14 17.28 -5.94
N GLU A 381 -19.31 18.58 -5.72
CA GLU A 381 -19.72 19.47 -6.82
C GLU A 381 -18.78 19.33 -8.01
N HIS A 382 -17.49 19.34 -7.72
CA HIS A 382 -16.51 19.29 -8.77
C HIS A 382 -16.59 17.97 -9.53
N GLU A 383 -16.70 16.87 -8.80
CA GLU A 383 -16.79 15.57 -9.42
C GLU A 383 -18.06 15.46 -10.30
N VAL A 384 -19.19 15.97 -9.80
CA VAL A 384 -20.40 15.99 -10.61
C VAL A 384 -20.14 16.74 -11.92
N ASP A 385 -19.55 17.93 -11.82
CA ASP A 385 -19.28 18.77 -12.99
C ASP A 385 -18.33 18.11 -13.97
N GLN A 386 -17.38 17.32 -13.49
CA GLN A 386 -16.50 16.54 -14.38
C GLN A 386 -17.33 15.55 -15.21
N VAL A 387 -18.24 14.82 -14.56
CA VAL A 387 -19.10 13.87 -15.26
C VAL A 387 -20.03 14.57 -16.27
N LEU A 388 -20.67 15.67 -15.87
CA LEU A 388 -21.51 16.43 -16.79
C LEU A 388 -20.71 16.95 -18.00
N ASP A 389 -19.53 17.46 -17.75
CA ASP A 389 -18.74 18.03 -18.82
C ASP A 389 -18.25 16.95 -19.77
N ALA A 390 -18.19 15.69 -19.33
CA ALA A 390 -17.87 14.59 -20.24
C ALA A 390 -19.11 14.15 -21.05
N VAL A 391 -20.28 14.17 -20.41
CA VAL A 391 -21.52 13.57 -20.94
C VAL A 391 -22.29 14.41 -21.96
N ASP A 392 -21.74 15.54 -22.41
CA ASP A 392 -22.35 16.29 -23.52
C ASP A 392 -23.71 16.85 -23.07
N PHE A 393 -23.84 17.16 -21.78
CA PHE A 393 -25.09 17.68 -21.27
C PHE A 393 -24.83 19.07 -20.69
N ASP A 394 -25.84 19.92 -20.80
CA ASP A 394 -25.78 21.26 -20.22
C ASP A 394 -25.95 21.16 -18.70
N LYS A 395 -25.07 21.82 -17.95
CA LYS A 395 -25.11 21.77 -16.48
C LYS A 395 -26.22 22.66 -15.86
N ASN A 396 -26.79 23.55 -16.68
CA ASN A 396 -27.81 24.51 -16.23
C ASN A 396 -29.27 24.10 -16.54
N GLY A 397 -29.43 22.96 -17.22
CA GLY A 397 -30.74 22.38 -17.48
C GLY A 397 -30.99 21.13 -16.63
N TYR A 398 -32.08 20.44 -16.98
CA TYR A 398 -32.45 19.13 -16.37
C TYR A 398 -31.88 17.99 -17.21
N ILE A 399 -31.53 16.89 -16.52
CA ILE A 399 -30.63 15.86 -17.04
C ILE A 399 -31.20 14.47 -16.78
N GLU A 400 -31.04 13.55 -17.73
CA GLU A 400 -31.46 12.16 -17.55
CA GLU A 400 -31.48 12.16 -17.52
C GLU A 400 -30.51 11.44 -16.59
N TYR A 401 -30.98 11.13 -15.40
CA TYR A 401 -30.09 10.54 -14.40
C TYR A 401 -29.48 9.19 -14.79
N SER A 402 -30.22 8.33 -15.50
CA SER A 402 -29.69 7.01 -15.89
C SER A 402 -28.40 7.10 -16.72
N GLU A 403 -28.29 8.13 -17.54
CA GLU A 403 -27.09 8.33 -18.35
C GLU A 403 -25.94 8.80 -17.49
N PHE A 404 -26.24 9.71 -16.56
CA PHE A 404 -25.24 10.23 -15.60
C PHE A 404 -24.65 9.12 -14.74
N VAL A 405 -25.48 8.18 -14.30
CA VAL A 405 -25.02 7.06 -13.47
C VAL A 405 -23.97 6.25 -14.25
N THR A 406 -24.26 5.96 -15.51
CA THR A 406 -23.35 5.15 -16.32
C THR A 406 -21.94 5.78 -16.38
N VAL A 407 -21.85 7.08 -16.64
CA VAL A 407 -20.56 7.73 -16.80
C VAL A 407 -19.80 7.89 -15.47
N ALA A 408 -20.53 8.28 -14.43
CA ALA A 408 -19.93 8.50 -13.11
C ALA A 408 -19.13 7.29 -12.60
N MET A 409 -19.60 6.08 -12.87
CA MET A 409 -19.02 4.85 -12.29
C MET A 409 -17.76 4.36 -13.03
N ASP A 410 -17.77 4.34 -14.37
CA ASP A 410 -16.54 4.15 -15.17
C ASP A 410 -15.38 5.01 -14.73
N ARG A 411 -15.69 6.23 -14.35
CA ARG A 411 -14.72 7.18 -13.85
C ARG A 411 -13.87 6.59 -12.71
N LYS A 412 -14.54 5.82 -11.84
CA LYS A 412 -13.93 5.32 -10.62
C LYS A 412 -13.12 4.05 -10.91
N THR A 413 -13.57 3.29 -11.89
CA THR A 413 -12.99 1.99 -12.13
C THR A 413 -11.79 2.08 -13.00
N LEU A 414 -12.00 2.67 -14.18
CA LEU A 414 -10.95 2.76 -15.17
C LEU A 414 -9.65 3.18 -14.57
N LEU A 415 -9.68 3.97 -13.51
CA LEU A 415 -8.45 4.23 -12.78
C LEU A 415 -7.78 2.89 -12.44
N SER A 416 -8.55 2.02 -11.80
CA SER A 416 -8.09 0.63 -11.49
C SER A 416 -7.96 -0.27 -12.75
N ARG A 417 -8.85 -0.14 -13.75
CA ARG A 417 -8.71 -0.92 -14.98
C ARG A 417 -7.44 -0.54 -15.77
N GLU A 418 -7.08 0.73 -15.78
CA GLU A 418 -5.91 1.16 -16.50
C GLU A 418 -4.71 0.91 -15.64
N ARG A 419 -4.85 0.92 -14.30
CA ARG A 419 -3.69 0.56 -13.47
C ARG A 419 -3.44 -0.93 -13.50
N LEU A 420 -4.51 -1.69 -13.72
CA LEU A 420 -4.36 -3.16 -13.90
C LEU A 420 -3.53 -3.40 -15.13
N GLU A 421 -3.94 -2.76 -16.22
CA GLU A 421 -3.26 -2.87 -17.50
C GLU A 421 -1.82 -2.44 -17.36
N ARG A 422 -1.60 -1.28 -16.73
CA ARG A 422 -0.25 -0.77 -16.53
C ARG A 422 0.57 -1.79 -15.78
N ALA A 423 -0.05 -2.47 -14.80
CA ALA A 423 0.70 -3.39 -13.99
C ALA A 423 0.96 -4.68 -14.74
N PHE A 424 0.04 -5.08 -15.63
CA PHE A 424 0.25 -6.26 -16.51
C PHE A 424 1.44 -5.98 -17.45
N ARG A 425 1.50 -4.78 -18.06
CA ARG A 425 2.64 -4.39 -18.92
C ARG A 425 3.97 -4.35 -18.22
N MET A 426 3.99 -3.87 -16.98
CA MET A 426 5.26 -3.78 -16.23
C MET A 426 5.74 -5.20 -15.88
N PHE A 427 4.82 -6.09 -15.57
CA PHE A 427 5.16 -7.47 -15.25
C PHE A 427 5.66 -8.23 -16.46
N ASP A 428 5.11 -7.93 -17.63
CA ASP A 428 5.52 -8.55 -18.90
C ASP A 428 6.77 -7.86 -19.38
N SER A 429 7.88 -8.08 -18.69
CA SER A 429 9.19 -7.49 -19.03
C SER A 429 9.73 -7.76 -20.44
N ASP A 430 9.41 -8.91 -21.01
CA ASP A 430 9.75 -9.25 -22.41
C ASP A 430 8.87 -8.67 -23.53
N ASN A 431 7.84 -7.94 -23.13
CA ASN A 431 6.83 -7.46 -24.09
C ASN A 431 6.28 -8.60 -24.99
N SER A 432 6.07 -9.76 -24.38
CA SER A 432 5.58 -10.97 -25.03
C SER A 432 4.09 -10.89 -25.32
N GLY A 433 3.41 -10.02 -24.57
CA GLY A 433 1.94 -9.87 -24.64
C GLY A 433 1.13 -10.83 -23.75
N LYS A 434 1.86 -11.76 -23.12
CA LYS A 434 1.28 -12.92 -22.46
C LYS A 434 1.88 -13.14 -21.04
N ILE A 435 1.10 -13.76 -20.16
CA ILE A 435 1.57 -14.30 -18.89
C ILE A 435 1.43 -15.85 -18.90
N SER A 436 2.50 -16.57 -18.56
CA SER A 436 2.45 -18.04 -18.60
C SER A 436 1.68 -18.59 -17.42
N SER A 437 1.27 -19.85 -17.51
CA SER A 437 0.52 -20.48 -16.42
C SER A 437 1.34 -20.51 -15.16
N THR A 438 2.64 -20.76 -15.28
CA THR A 438 3.55 -20.75 -14.12
C THR A 438 3.52 -19.39 -13.43
N GLU A 439 3.56 -18.33 -14.23
CA GLU A 439 3.51 -16.98 -13.71
C GLU A 439 2.16 -16.75 -13.05
N LEU A 440 1.08 -17.17 -13.69
CA LEU A 440 -0.23 -17.07 -13.04
C LEU A 440 -0.22 -17.74 -11.69
N ALA A 441 0.43 -18.90 -11.56
CA ALA A 441 0.46 -19.60 -10.27
C ALA A 441 1.06 -18.72 -9.20
N THR A 442 2.16 -18.06 -9.56
CA THR A 442 2.87 -17.18 -8.68
C THR A 442 2.02 -16.00 -8.29
N ILE A 443 1.43 -15.36 -9.29
CA ILE A 443 0.59 -14.19 -9.07
C ILE A 443 -0.61 -14.48 -8.18
N PHE A 444 -1.29 -15.58 -8.45
CA PHE A 444 -2.47 -15.91 -7.66
C PHE A 444 -2.14 -16.40 -6.29
N GLY A 445 -0.98 -17.02 -6.14
CA GLY A 445 -0.50 -17.45 -4.83
C GLY A 445 -0.27 -16.27 -3.92
N VAL A 446 0.39 -15.25 -4.45
CA VAL A 446 0.62 -13.98 -3.74
C VAL A 446 -0.72 -13.30 -3.43
N SER A 447 -1.68 -13.38 -4.36
CA SER A 447 -3.00 -12.80 -4.22
C SER A 447 -3.90 -13.67 -3.36
N ASP A 448 -3.35 -14.82 -2.97
CA ASP A 448 -4.07 -15.80 -2.17
C ASP A 448 -5.44 -16.23 -2.73
N VAL A 449 -5.48 -16.38 -4.05
CA VAL A 449 -6.61 -16.96 -4.72
C VAL A 449 -6.37 -18.45 -4.85
N ASP A 450 -7.32 -19.22 -4.33
CA ASP A 450 -7.23 -20.66 -4.29
C ASP A 450 -6.82 -21.27 -5.64
N SER A 451 -5.90 -22.24 -5.57
CA SER A 451 -5.28 -22.78 -6.75
C SER A 451 -6.24 -23.50 -7.71
N GLU A 452 -7.12 -24.35 -7.18
CA GLU A 452 -8.08 -25.00 -8.04
C GLU A 452 -9.15 -23.99 -8.56
N THR A 453 -9.35 -22.89 -7.83
CA THR A 453 -10.32 -21.88 -8.25
C THR A 453 -9.81 -21.14 -9.48
N TRP A 454 -8.55 -20.69 -9.47
CA TRP A 454 -8.05 -19.92 -10.62
C TRP A 454 -7.85 -20.81 -11.83
N LYS A 455 -7.31 -22.01 -11.62
CA LYS A 455 -7.14 -22.99 -12.71
C LYS A 455 -8.48 -23.23 -13.36
N SER A 456 -9.50 -23.44 -12.52
CA SER A 456 -10.87 -23.62 -13.00
C SER A 456 -11.28 -22.47 -13.91
N VAL A 457 -11.07 -21.24 -13.43
CA VAL A 457 -11.38 -20.05 -14.21
C VAL A 457 -10.52 -19.94 -15.49
N LEU A 458 -9.24 -20.34 -15.39
CA LEU A 458 -8.35 -20.40 -16.56
C LEU A 458 -8.78 -21.46 -17.56
N SER A 459 -9.33 -22.56 -17.08
CA SER A 459 -9.87 -23.59 -17.97
C SER A 459 -11.00 -23.01 -18.81
N GLU A 460 -11.83 -22.20 -18.20
CA GLU A 460 -12.98 -21.63 -18.86
C GLU A 460 -12.59 -20.53 -19.86
N VAL A 461 -11.39 -19.93 -19.70
CA VAL A 461 -10.90 -18.89 -20.60
C VAL A 461 -9.88 -19.42 -21.65
N ASP A 462 -8.95 -20.28 -21.23
CA ASP A 462 -7.91 -20.90 -22.10
C ASP A 462 -8.35 -22.28 -22.69
N LYS A 463 -9.23 -22.25 -23.69
CA LYS A 463 -9.74 -23.50 -24.29
C LYS A 463 -8.89 -24.00 -25.43
N ASN A 464 -7.75 -23.39 -25.66
CA ASN A 464 -6.80 -23.86 -26.66
C ASN A 464 -5.58 -24.53 -26.02
N ASN A 465 -5.54 -24.56 -24.68
CA ASN A 465 -4.40 -25.14 -23.94
C ASN A 465 -3.06 -24.41 -24.25
N ASP A 466 -3.12 -23.10 -24.48
CA ASP A 466 -1.89 -22.37 -24.76
C ASP A 466 -1.03 -22.34 -23.50
N GLY A 467 -1.64 -22.50 -22.33
CA GLY A 467 -0.91 -22.39 -21.07
C GLY A 467 -0.38 -20.97 -20.85
N GLU A 468 -1.12 -19.98 -21.34
CA GLU A 468 -0.73 -18.59 -21.23
C GLU A 468 -1.93 -17.73 -21.55
N VAL A 469 -1.94 -16.48 -21.06
CA VAL A 469 -3.05 -15.53 -21.29
C VAL A 469 -2.56 -14.15 -21.69
N ASP A 470 -3.29 -13.48 -22.56
CA ASP A 470 -3.02 -12.08 -22.87
C ASP A 470 -3.75 -11.22 -21.85
N PHE A 471 -3.64 -9.92 -22.02
CA PHE A 471 -4.23 -9.04 -21.03
C PHE A 471 -5.76 -9.18 -20.91
N ASP A 472 -6.47 -9.22 -22.03
CA ASP A 472 -7.91 -9.28 -22.00
C ASP A 472 -8.39 -10.57 -21.32
N GLU A 473 -7.71 -11.67 -21.63
CA GLU A 473 -7.97 -12.95 -21.01
C GLU A 473 -7.70 -12.92 -19.48
N PHE A 474 -6.58 -12.36 -19.07
CA PHE A 474 -6.29 -12.14 -17.67
C PHE A 474 -7.41 -11.35 -17.00
N GLN A 475 -7.85 -10.28 -17.63
CA GLN A 475 -8.91 -9.45 -17.06
C GLN A 475 -10.18 -10.23 -16.94
N GLN A 476 -10.50 -11.00 -17.97
CA GLN A 476 -11.68 -11.86 -17.92
C GLN A 476 -11.61 -12.85 -16.74
N MET A 477 -10.44 -13.41 -16.45
CA MET A 477 -10.30 -14.32 -15.33
C MET A 477 -10.67 -13.60 -14.02
N LEU A 478 -10.15 -12.40 -13.85
CA LEU A 478 -10.41 -11.66 -12.66
C LEU A 478 -11.89 -11.33 -12.51
N LEU A 479 -12.58 -11.01 -13.60
CA LEU A 479 -14.02 -10.72 -13.53
C LEU A 479 -14.76 -11.94 -13.10
N LYS A 480 -14.33 -13.10 -13.58
CA LYS A 480 -14.90 -14.37 -13.17
C LYS A 480 -14.59 -14.75 -11.74
N LEU A 481 -13.50 -14.24 -11.21
CA LEU A 481 -13.11 -14.48 -9.82
C LEU A 481 -13.79 -13.50 -8.88
N CYS A 482 -14.62 -12.59 -9.39
CA CYS A 482 -15.36 -11.71 -8.53
C CYS A 482 -16.85 -11.68 -8.94
N GLY A 483 -17.31 -12.86 -9.34
CA GLY A 483 -18.72 -13.12 -9.52
C GLY A 483 -19.30 -12.60 -10.82
N ASN A 484 -18.41 -12.23 -11.76
CA ASN A 484 -18.83 -11.83 -13.09
C ASN A 484 -18.40 -12.86 -14.09
CAL UWA B . 1.06 6.59 -1.60
CAK UWA B . 0.90 6.09 -0.14
CAM UWA B . 0.55 4.61 -0.09
CAJ UWA B . 2.23 6.30 0.54
NAG UWA B . 2.18 7.46 1.40
NAH UWA B . 1.64 7.37 2.64
C4 UWA B . 2.81 8.62 1.19
N3 UWA B . 3.38 9.06 0.06
C2 UWA B . 3.93 10.24 0.24
N1 UWA B . 4.01 10.99 1.35
C6 UWA B . 3.42 10.48 2.42
NAN UWA B . 3.58 11.13 3.54
C5 UWA B . 2.76 9.30 2.39
CAI UWA B . 2.01 8.49 3.25
CAO UWA B . 1.53 8.77 4.52
CAT UWA B . 1.57 7.94 5.53
CAS UWA B . 1.04 8.41 6.75
CAX UWA B . 1.18 7.66 7.91
CAW UWA B . 0.78 8.23 9.07
OAY UWA B . 0.85 7.71 10.27
CAZ UWA B . 2.09 7.92 10.89
CBA UWA B . 1.77 8.07 12.37
CAV UWA B . 0.23 9.52 9.13
CAU UWA B . 0.09 10.21 8.00
CAR UWA B . 0.48 9.70 6.82
CAQ UWA B . 0.41 10.50 5.74
CAP UWA B . 0.94 10.06 4.58
#